data_8U49
#
_entry.id   8U49
#
_cell.length_a   133.571
_cell.length_b   67.406
_cell.length_c   100.916
_cell.angle_alpha   90.000
_cell.angle_beta   125.060
_cell.angle_gamma   90.000
#
_symmetry.space_group_name_H-M   'C 1 2 1'
#
loop_
_entity.id
_entity.type
_entity.pdbx_description
1 polymer Endoglucanase
2 non-polymer 2-AMINO-2-HYDROXYMETHYL-PROPANE-1,3-DIOL
3 non-polymer GLYCEROL
4 non-polymer 'CHLORIDE ION'
5 non-polymer 1,2-ETHANEDIOL
6 non-polymer 'SODIUM ION'
7 non-polymer 'CALCIUM ION'
8 water water
#
_entity_poly.entity_id   1
_entity_poly.type   'polypeptide(L)'
_entity_poly.pdbx_seq_one_letter_code
;AEEYPHNYAELLQKSLLFYEAQRSGRLPENSRLNWRGDSGLEDGKDVGLDLTGGWYDAGDHVKFGLPMAYSAAILSWSVY
EYRDAYKESGQLDAALDNIKWATDYFLKAHTAPYELWGQVGNGALDHAWWGPAEVMPMKRPAYKIDAGCPGSDLAGGTAA
ALASASIIFKPTDSSYSEKLLAHAKQLYDFADRYRGKYSDCITDAQQYYNSWSGYKDELTWGAVWLYLATEEQQYLDKAL
ASVSDWGDPANWPYRWTLSWDDVTYGAQLLLARLTNDSRFVKSVERNLDYWSTGYSHNGSIERITYTPGGLAWLEQWGSL
RYASNAAFLAFVYSDWVDTEKAKRYRDFAVRQTEYMLGDNPQQRSFVVGYGKNPPKHPHHRTAHGSWANQMNVPENHRHT
LYGALVGGPGRDDSYRDDITDYASNEVAIDYNAAFTGNVAKMFQLFGKGHVPLPDFPEKETPEDEYFAEASINSSGNSYT
EIRAQLNNRSGWPAKKTDQLSFRYYVDLTEAVEAGYSAEDIKVTAGYNEGASVSELKPHDASKHIYYTEVSFSGVLIYPG
GQSAHKKEVQFRLSAPDGTSFWNPENDHSYQGLSHALLKTRYIPVYDDGRLVFGHEPGY
;
_entity_poly.pdbx_strand_id   A
#
# COMPACT_ATOMS: atom_id res chain seq x y z
N GLU A 3 26.67 -6.03 15.12
CA GLU A 3 25.71 -6.66 14.22
C GLU A 3 24.29 -6.18 14.51
N TYR A 4 23.34 -6.52 13.61
CA TYR A 4 21.99 -6.15 14.04
C TYR A 4 21.37 -7.30 14.83
N PRO A 5 20.82 -7.03 16.01
CA PRO A 5 20.18 -8.10 16.79
C PRO A 5 18.78 -8.42 16.26
N HIS A 6 18.69 -9.41 15.38
CA HIS A 6 17.41 -9.68 14.74
C HIS A 6 16.36 -10.13 15.74
N ASN A 7 15.12 -9.70 15.49
CA ASN A 7 13.94 -10.07 16.27
C ASN A 7 12.88 -10.47 15.24
N TYR A 8 12.62 -11.76 15.10
CA TYR A 8 11.71 -12.19 14.05
C TYR A 8 10.26 -11.97 14.41
N ALA A 9 9.94 -11.82 15.71
CA ALA A 9 8.59 -11.39 16.08
C ALA A 9 8.35 -9.96 15.63
N GLU A 10 9.33 -9.08 15.88
CA GLU A 10 9.25 -7.69 15.41
C GLU A 10 9.18 -7.65 13.89
N LEU A 11 10.02 -8.44 13.21
CA LEU A 11 9.98 -8.46 11.75
C LEU A 11 8.62 -8.91 11.23
N LEU A 12 8.06 -9.96 11.84
CA LEU A 12 6.75 -10.44 11.40
C LEU A 12 5.68 -9.39 11.63
N GLN A 13 5.69 -8.79 12.82
CA GLN A 13 4.81 -7.67 13.13
C GLN A 13 4.89 -6.57 12.06
N LYS A 14 6.11 -6.22 11.64
CA LYS A 14 6.28 -5.13 10.69
C LYS A 14 5.82 -5.52 9.29
N SER A 15 6.09 -6.76 8.88
CA SER A 15 5.62 -7.21 7.57
C SER A 15 4.11 -7.12 7.48
N LEU A 16 3.40 -7.53 8.54
CA LEU A 16 1.96 -7.40 8.54
C LEU A 16 1.51 -5.93 8.56
N LEU A 17 2.29 -5.07 9.24
CA LEU A 17 2.01 -3.63 9.21
C LEU A 17 2.14 -3.06 7.80
N PHE A 18 2.99 -3.65 6.96
CA PHE A 18 3.03 -3.23 5.57
C PHE A 18 1.67 -3.41 4.90
N TYR A 19 1.03 -4.56 5.12
CA TYR A 19 -0.28 -4.78 4.51
C TYR A 19 -1.30 -3.79 5.05
N GLU A 20 -1.20 -3.42 6.34
CA GLU A 20 -2.09 -2.39 6.86
C GLU A 20 -1.89 -1.06 6.14
N ALA A 21 -0.65 -0.72 5.78
CA ALA A 21 -0.39 0.50 5.02
C ALA A 21 -0.97 0.46 3.61
N GLN A 22 -1.23 -0.74 3.08
CA GLN A 22 -1.77 -0.89 1.74
C GLN A 22 -3.29 -0.78 1.69
N ARG A 23 -3.94 -0.59 2.83
CA ARG A 23 -5.40 -0.68 2.88
C ARG A 23 -6.06 0.46 2.13
N SER A 24 -7.01 0.10 1.27
CA SER A 24 -7.94 1.02 0.65
C SER A 24 -9.27 0.98 1.40
N GLY A 25 -10.07 2.02 1.23
CA GLY A 25 -11.42 2.04 1.75
C GLY A 25 -11.54 2.87 3.02
N ARG A 26 -12.65 2.65 3.72
CA ARG A 26 -12.89 3.31 5.00
C ARG A 26 -12.16 2.54 6.10
N LEU A 27 -11.26 3.23 6.83
CA LEU A 27 -10.39 2.54 7.77
C LEU A 27 -11.02 2.48 9.15
N PRO A 28 -10.77 1.41 9.90
CA PRO A 28 -11.33 1.31 11.26
C PRO A 28 -10.73 2.33 12.21
N GLU A 29 -11.51 2.69 13.22
CA GLU A 29 -11.11 3.71 14.18
C GLU A 29 -9.81 3.35 14.88
N ASN A 30 -9.62 2.06 15.18
CA ASN A 30 -8.45 1.56 15.89
C ASN A 30 -7.25 1.28 14.98
N SER A 31 -7.13 1.99 13.87
N SER A 31 -7.13 1.99 13.87
CA SER A 31 -6.04 1.71 12.95
CA SER A 31 -6.04 1.73 12.94
C SER A 31 -4.71 2.14 13.54
C SER A 31 -4.70 2.13 13.57
N ARG A 32 -3.67 1.34 13.29
CA ARG A 32 -2.37 1.58 13.88
C ARG A 32 -1.58 2.69 13.20
N LEU A 33 -1.97 3.08 11.99
CA LEU A 33 -1.22 4.04 11.17
C LEU A 33 -1.99 5.36 11.09
N ASN A 34 -1.54 6.37 11.83
CA ASN A 34 -2.24 7.65 11.80
C ASN A 34 -2.03 8.41 10.50
N TRP A 35 -1.04 8.03 9.69
CA TRP A 35 -0.82 8.68 8.41
C TRP A 35 -1.60 8.05 7.26
N ARG A 36 -2.46 7.07 7.54
CA ARG A 36 -3.39 6.55 6.54
C ARG A 36 -4.81 6.95 6.94
N GLY A 37 -5.56 7.49 5.97
CA GLY A 37 -6.95 7.82 6.17
C GLY A 37 -7.85 7.17 5.14
N ASP A 38 -9.14 7.53 5.16
CA ASP A 38 -10.09 6.97 4.20
C ASP A 38 -9.68 7.32 2.77
N SER A 39 -9.89 6.38 1.85
CA SER A 39 -9.48 6.58 0.46
C SER A 39 -10.24 5.60 -0.42
N GLY A 40 -10.26 5.89 -1.72
CA GLY A 40 -11.00 5.02 -2.64
C GLY A 40 -12.44 4.82 -2.24
N LEU A 41 -13.07 5.85 -1.66
CA LEU A 41 -14.41 5.67 -1.11
C LEU A 41 -15.48 5.54 -2.18
N GLU A 42 -15.21 5.97 -3.41
CA GLU A 42 -16.14 5.80 -4.51
C GLU A 42 -15.81 4.60 -5.39
N ASP A 43 -14.96 3.69 -4.93
CA ASP A 43 -14.60 2.53 -5.74
C ASP A 43 -15.84 1.67 -5.99
N GLY A 44 -16.16 1.46 -7.27
CA GLY A 44 -17.33 0.74 -7.67
C GLY A 44 -18.55 1.60 -7.96
N LYS A 45 -18.50 2.90 -7.68
CA LYS A 45 -19.68 3.73 -7.88
C LYS A 45 -20.08 3.79 -9.35
N ASP A 46 -19.10 3.76 -10.26
CA ASP A 46 -19.43 3.82 -11.69
C ASP A 46 -20.21 2.60 -12.16
N VAL A 47 -20.16 1.49 -11.42
CA VAL A 47 -20.91 0.31 -11.81
C VAL A 47 -21.99 -0.03 -10.78
N GLY A 48 -22.32 0.92 -9.91
CA GLY A 48 -23.39 0.71 -8.95
C GLY A 48 -23.11 -0.31 -7.87
N LEU A 49 -21.86 -0.43 -7.43
CA LEU A 49 -21.50 -1.44 -6.44
C LEU A 49 -20.59 -0.81 -5.40
N ASP A 50 -20.64 -1.36 -4.19
CA ASP A 50 -19.65 -1.05 -3.17
C ASP A 50 -18.45 -1.95 -3.42
N LEU A 51 -17.42 -1.41 -4.08
CA LEU A 51 -16.15 -2.11 -4.25
C LEU A 51 -15.05 -1.49 -3.38
N THR A 52 -15.42 -0.89 -2.24
CA THR A 52 -14.41 -0.30 -1.39
C THR A 52 -13.69 -1.38 -0.59
N GLY A 53 -12.51 -1.03 -0.12
CA GLY A 53 -11.68 -1.94 0.65
C GLY A 53 -10.60 -2.57 -0.22
N GLY A 54 -10.10 -3.71 0.26
CA GLY A 54 -9.01 -4.37 -0.41
C GLY A 54 -7.68 -3.63 -0.22
N TRP A 55 -6.67 -4.10 -0.96
CA TRP A 55 -5.32 -3.57 -0.89
C TRP A 55 -4.95 -2.84 -2.17
N TYR A 56 -4.25 -1.71 -2.01
CA TYR A 56 -3.50 -1.15 -3.13
C TYR A 56 -2.35 -2.09 -3.48
N ASP A 57 -2.05 -2.19 -4.78
CA ASP A 57 -1.10 -3.21 -5.22
C ASP A 57 0.30 -2.95 -4.72
N ALA A 58 0.80 -1.72 -4.89
CA ALA A 58 2.22 -1.44 -4.74
C ALA A 58 2.44 -0.05 -4.19
N GLY A 59 3.27 0.75 -4.85
CA GLY A 59 3.37 2.16 -4.53
C GLY A 59 2.34 3.01 -5.21
N ASP A 60 1.38 2.38 -5.91
CA ASP A 60 0.32 2.99 -6.66
C ASP A 60 -1.01 2.72 -5.96
N HIS A 61 -2.12 2.98 -6.64
CA HIS A 61 -3.42 2.79 -6.01
C HIS A 61 -4.38 1.97 -6.87
N VAL A 62 -3.89 1.27 -7.89
CA VAL A 62 -4.74 0.30 -8.56
C VAL A 62 -4.92 -0.91 -7.65
N LYS A 63 -6.14 -1.44 -7.62
CA LYS A 63 -6.42 -2.71 -6.95
C LYS A 63 -6.44 -3.77 -8.04
N PHE A 64 -5.30 -4.44 -8.22
CA PHE A 64 -5.13 -5.45 -9.26
C PHE A 64 -5.52 -6.82 -8.69
N GLY A 65 -6.56 -7.44 -9.27
CA GLY A 65 -7.14 -8.62 -8.64
C GLY A 65 -6.25 -9.85 -8.65
N LEU A 66 -5.45 -10.05 -9.69
CA LEU A 66 -4.71 -11.31 -9.76
C LEU A 66 -3.61 -11.35 -8.71
N PRO A 67 -2.71 -10.36 -8.61
CA PRO A 67 -1.75 -10.39 -7.49
C PRO A 67 -2.40 -10.22 -6.10
N MET A 68 -3.57 -9.60 -5.98
CA MET A 68 -4.18 -9.49 -4.65
C MET A 68 -4.68 -10.86 -4.18
N ALA A 69 -5.35 -11.59 -5.07
CA ALA A 69 -5.73 -12.97 -4.76
C ALA A 69 -4.51 -13.81 -4.41
N TYR A 70 -3.45 -13.72 -5.23
CA TYR A 70 -2.23 -14.47 -4.96
C TYR A 70 -1.68 -14.14 -3.57
N SER A 71 -1.58 -12.85 -3.26
CA SER A 71 -1.00 -12.45 -1.98
C SER A 71 -1.82 -13.00 -0.81
N ALA A 72 -3.16 -12.84 -0.86
CA ALA A 72 -4.00 -13.39 0.21
C ALA A 72 -3.85 -14.90 0.32
N ALA A 73 -3.75 -15.59 -0.81
CA ALA A 73 -3.59 -17.04 -0.80
C ALA A 73 -2.30 -17.45 -0.09
N ILE A 74 -1.19 -16.80 -0.41
CA ILE A 74 0.10 -17.22 0.15
C ILE A 74 0.17 -16.85 1.64
N LEU A 75 -0.35 -15.67 1.99
CA LEU A 75 -0.43 -15.32 3.40
C LEU A 75 -1.26 -16.35 4.16
N SER A 76 -2.41 -16.75 3.60
CA SER A 76 -3.22 -17.79 4.23
C SER A 76 -2.45 -19.10 4.30
N TRP A 77 -1.71 -19.43 3.24
CA TRP A 77 -0.94 -20.66 3.22
C TRP A 77 0.04 -20.71 4.39
N SER A 78 0.72 -19.59 4.66
CA SER A 78 1.71 -19.63 5.74
C SER A 78 1.05 -19.71 7.11
N VAL A 79 -0.15 -19.14 7.27
CA VAL A 79 -0.86 -19.31 8.53
C VAL A 79 -1.34 -20.75 8.68
N TYR A 80 -1.64 -21.39 7.56
CA TYR A 80 -2.02 -22.79 7.55
C TYR A 80 -0.84 -23.68 7.97
N GLU A 81 0.36 -23.39 7.45
CA GLU A 81 1.53 -24.20 7.76
C GLU A 81 2.12 -23.90 9.13
N TYR A 82 2.08 -22.63 9.55
CA TYR A 82 2.89 -22.18 10.68
C TYR A 82 2.04 -21.40 11.69
N ARG A 83 0.82 -21.88 11.96
CA ARG A 83 -0.07 -21.18 12.88
C ARG A 83 0.59 -20.99 14.25
N ASP A 84 1.28 -22.01 14.74
CA ASP A 84 1.94 -21.92 16.04
C ASP A 84 2.96 -20.80 16.09
N ALA A 85 3.71 -20.61 14.99
CA ALA A 85 4.67 -19.52 14.94
C ALA A 85 3.98 -18.16 15.01
N TYR A 86 2.86 -18.00 14.28
CA TYR A 86 2.09 -16.77 14.39
C TYR A 86 1.59 -16.56 15.81
N LYS A 87 1.12 -17.63 16.46
CA LYS A 87 0.59 -17.50 17.82
C LYS A 87 1.68 -17.07 18.79
N GLU A 88 2.80 -17.82 18.81
CA GLU A 88 3.84 -17.60 19.80
C GLU A 88 4.59 -16.28 19.58
N SER A 89 4.61 -15.77 18.36
CA SER A 89 5.14 -14.43 18.08
C SER A 89 4.14 -13.32 18.36
N GLY A 90 2.91 -13.66 18.77
CA GLY A 90 1.88 -12.68 19.05
C GLY A 90 1.17 -12.11 17.85
N GLN A 91 1.36 -12.69 16.66
CA GLN A 91 0.94 -12.05 15.41
C GLN A 91 -0.25 -12.74 14.75
N LEU A 92 -0.88 -13.72 15.41
CA LEU A 92 -1.95 -14.45 14.75
C LEU A 92 -3.17 -13.58 14.53
N ASP A 93 -3.61 -12.84 15.56
CA ASP A 93 -4.74 -11.93 15.39
C ASP A 93 -4.48 -10.96 14.25
N ALA A 94 -3.27 -10.40 14.19
CA ALA A 94 -2.95 -9.44 13.13
C ALA A 94 -2.90 -10.11 11.77
N ALA A 95 -2.40 -11.34 11.71
CA ALA A 95 -2.37 -12.05 10.42
C ALA A 95 -3.79 -12.30 9.90
N LEU A 96 -4.67 -12.78 10.77
CA LEU A 96 -6.06 -13.01 10.38
C LEU A 96 -6.75 -11.70 10.02
N ASP A 97 -6.56 -10.66 10.83
CA ASP A 97 -7.19 -9.37 10.54
C ASP A 97 -6.71 -8.80 9.20
N ASN A 98 -5.44 -8.99 8.87
CA ASN A 98 -4.98 -8.43 7.61
C ASN A 98 -5.45 -9.27 6.42
N ILE A 99 -5.46 -10.59 6.54
CA ILE A 99 -6.01 -11.43 5.48
C ILE A 99 -7.49 -11.13 5.27
N LYS A 100 -8.25 -10.96 6.36
CA LYS A 100 -9.68 -10.65 6.26
C LYS A 100 -9.93 -9.36 5.49
N TRP A 101 -9.03 -8.37 5.58
CA TRP A 101 -9.21 -7.17 4.78
C TRP A 101 -9.27 -7.52 3.30
N ALA A 102 -8.39 -8.40 2.84
CA ALA A 102 -8.41 -8.84 1.46
C ALA A 102 -9.64 -9.71 1.17
N THR A 103 -9.90 -10.72 2.00
CA THR A 103 -11.00 -11.62 1.67
C THR A 103 -12.35 -10.92 1.76
N ASP A 104 -12.51 -9.96 2.69
CA ASP A 104 -13.72 -9.16 2.70
C ASP A 104 -13.92 -8.45 1.36
N TYR A 105 -12.84 -7.93 0.78
CA TYR A 105 -12.94 -7.30 -0.53
C TYR A 105 -13.30 -8.31 -1.62
N PHE A 106 -12.72 -9.51 -1.56
CA PHE A 106 -13.09 -10.54 -2.54
C PHE A 106 -14.58 -10.87 -2.48
N LEU A 107 -15.14 -10.88 -1.27
CA LEU A 107 -16.58 -11.14 -1.15
C LEU A 107 -17.39 -10.02 -1.80
N LYS A 108 -16.95 -8.77 -1.66
N LYS A 108 -16.95 -8.77 -1.64
CA LYS A 108 -17.63 -7.67 -2.33
CA LYS A 108 -17.62 -7.67 -2.34
C LYS A 108 -17.43 -7.75 -3.84
C LYS A 108 -17.43 -7.78 -3.84
N ALA A 109 -16.23 -8.14 -4.28
CA ALA A 109 -15.95 -8.22 -5.71
C ALA A 109 -16.68 -9.39 -6.36
N HIS A 110 -17.07 -10.39 -5.57
CA HIS A 110 -17.78 -11.56 -6.09
C HIS A 110 -19.27 -11.34 -5.89
N THR A 111 -19.84 -10.48 -6.75
CA THR A 111 -21.21 -10.02 -6.61
C THR A 111 -22.23 -11.05 -7.05
N ALA A 112 -21.85 -11.97 -7.91
CA ALA A 112 -22.75 -12.98 -8.43
C ALA A 112 -21.90 -14.19 -8.75
N PRO A 113 -22.52 -15.38 -8.84
CA PRO A 113 -21.70 -16.60 -8.90
C PRO A 113 -20.69 -16.61 -10.05
N TYR A 114 -21.04 -16.08 -11.22
CA TYR A 114 -20.14 -16.06 -12.36
C TYR A 114 -19.75 -14.64 -12.75
N GLU A 115 -19.60 -13.78 -11.75
CA GLU A 115 -19.18 -12.40 -11.99
C GLU A 115 -18.17 -11.99 -10.91
N LEU A 116 -17.02 -11.48 -11.33
CA LEU A 116 -15.94 -11.10 -10.41
C LEU A 116 -15.30 -9.80 -10.86
N TRP A 117 -15.40 -8.77 -10.03
CA TRP A 117 -14.72 -7.52 -10.30
C TRP A 117 -13.23 -7.69 -10.04
N GLY A 118 -12.42 -7.44 -11.07
CA GLY A 118 -11.03 -7.84 -11.02
C GLY A 118 -10.06 -6.68 -10.99
N GLN A 119 -10.56 -5.46 -11.16
CA GLN A 119 -9.67 -4.31 -11.09
C GLN A 119 -10.48 -3.07 -10.74
N VAL A 120 -9.92 -2.23 -9.87
CA VAL A 120 -10.43 -0.89 -9.65
C VAL A 120 -9.26 0.08 -9.78
N GLY A 121 -9.44 1.10 -10.60
CA GLY A 121 -8.34 1.98 -10.97
C GLY A 121 -7.87 1.62 -12.36
N ASN A 122 -7.57 2.62 -13.17
CA ASN A 122 -7.00 2.40 -14.49
C ASN A 122 -5.50 2.68 -14.41
N GLY A 123 -4.69 1.81 -15.02
CA GLY A 123 -3.25 1.88 -14.81
C GLY A 123 -2.65 3.22 -15.18
N ALA A 124 -2.98 3.73 -16.36
CA ALA A 124 -2.38 4.99 -16.81
C ALA A 124 -2.89 6.18 -15.98
N LEU A 125 -4.20 6.23 -15.74
CA LEU A 125 -4.74 7.33 -14.94
C LEU A 125 -4.15 7.34 -13.54
N ASP A 126 -4.02 6.16 -12.94
CA ASP A 126 -3.51 6.07 -11.57
C ASP A 126 -2.03 6.44 -11.50
N HIS A 127 -1.23 5.91 -12.42
CA HIS A 127 0.21 6.08 -12.31
C HIS A 127 0.69 7.45 -12.79
N ALA A 128 -0.13 8.16 -13.57
CA ALA A 128 0.25 9.49 -14.04
C ALA A 128 0.37 10.51 -12.91
N TRP A 129 -0.15 10.22 -11.72
CA TRP A 129 -0.21 11.17 -10.62
C TRP A 129 0.54 10.62 -9.41
N TRP A 130 1.32 11.48 -8.76
CA TRP A 130 2.17 11.08 -7.65
C TRP A 130 1.74 11.83 -6.39
N GLY A 131 0.92 11.18 -5.57
CA GLY A 131 0.48 11.74 -4.31
C GLY A 131 -0.21 10.71 -3.42
N PRO A 132 -0.63 11.13 -2.23
CA PRO A 132 -1.18 10.16 -1.26
C PRO A 132 -2.57 9.69 -1.63
N ALA A 133 -2.86 8.45 -1.23
CA ALA A 133 -4.10 7.78 -1.63
C ALA A 133 -5.34 8.57 -1.25
N GLU A 134 -5.32 9.20 -0.08
CA GLU A 134 -6.50 9.87 0.44
C GLU A 134 -7.02 10.97 -0.48
N VAL A 135 -6.19 11.54 -1.34
CA VAL A 135 -6.60 12.71 -2.10
C VAL A 135 -6.54 12.46 -3.61
N MET A 136 -6.59 11.19 -4.04
CA MET A 136 -6.57 10.88 -5.46
C MET A 136 -7.63 11.72 -6.19
N PRO A 137 -7.24 12.46 -7.24
CA PRO A 137 -8.20 13.33 -7.94
C PRO A 137 -8.80 12.71 -9.19
N MET A 138 -8.35 11.54 -9.62
CA MET A 138 -8.75 11.02 -10.92
C MET A 138 -9.87 10.00 -10.78
N LYS A 139 -10.55 9.76 -11.89
CA LYS A 139 -11.54 8.69 -11.97
C LYS A 139 -10.87 7.34 -11.75
N ARG A 140 -11.62 6.42 -11.14
CA ARG A 140 -11.15 5.08 -10.82
C ARG A 140 -12.15 4.06 -11.34
N PRO A 141 -12.10 3.73 -12.62
CA PRO A 141 -13.07 2.79 -13.18
C PRO A 141 -12.90 1.38 -12.65
N ALA A 142 -14.00 0.64 -12.64
CA ALA A 142 -14.01 -0.75 -12.19
C ALA A 142 -14.17 -1.67 -13.39
N TYR A 143 -13.49 -2.82 -13.36
CA TYR A 143 -13.50 -3.78 -14.47
C TYR A 143 -13.79 -5.17 -13.94
N LYS A 144 -14.50 -5.97 -14.72
CA LYS A 144 -14.92 -7.29 -14.28
C LYS A 144 -14.65 -8.34 -15.34
N ILE A 145 -14.57 -9.58 -14.87
CA ILE A 145 -14.78 -10.75 -15.70
C ILE A 145 -16.14 -11.35 -15.34
N ASP A 146 -16.72 -12.08 -16.29
CA ASP A 146 -17.96 -12.81 -16.06
C ASP A 146 -18.07 -13.91 -17.11
N ALA A 147 -19.25 -14.53 -17.21
CA ALA A 147 -19.38 -15.70 -18.07
C ALA A 147 -19.14 -15.35 -19.53
N GLY A 148 -19.52 -14.14 -19.96
CA GLY A 148 -19.29 -13.75 -21.34
C GLY A 148 -17.89 -13.28 -21.62
N CYS A 149 -17.14 -12.89 -20.60
N CYS A 149 -17.09 -13.11 -20.57
CA CYS A 149 -15.73 -12.55 -20.77
CA CYS A 149 -15.78 -12.45 -20.65
C CYS A 149 -15.02 -13.05 -19.53
C CYS A 149 -14.92 -12.98 -19.51
N PRO A 150 -14.53 -14.25 -19.57
CA PRO A 150 -14.07 -14.94 -18.36
C PRO A 150 -12.60 -14.68 -18.01
N GLY A 151 -12.14 -15.37 -16.97
CA GLY A 151 -10.80 -15.21 -16.43
C GLY A 151 -10.51 -16.33 -15.45
N SER A 152 -10.15 -17.50 -15.98
CA SER A 152 -9.95 -18.67 -15.13
C SER A 152 -8.76 -18.49 -14.21
N ASP A 153 -7.78 -17.69 -14.62
CA ASP A 153 -6.65 -17.42 -13.74
C ASP A 153 -7.07 -16.56 -12.56
N LEU A 154 -7.73 -15.43 -12.83
CA LEU A 154 -8.23 -14.57 -11.76
C LEU A 154 -9.24 -15.31 -10.89
N ALA A 155 -10.20 -15.97 -11.51
CA ALA A 155 -11.23 -16.66 -10.73
C ALA A 155 -10.64 -17.82 -9.95
N GLY A 156 -9.77 -18.61 -10.58
CA GLY A 156 -9.15 -19.72 -9.87
C GLY A 156 -8.26 -19.24 -8.74
N GLY A 157 -7.49 -18.18 -8.97
CA GLY A 157 -6.62 -17.66 -7.93
C GLY A 157 -7.40 -17.06 -6.78
N THR A 158 -8.54 -16.42 -7.07
CA THR A 158 -9.37 -15.89 -5.99
C THR A 158 -10.07 -17.02 -5.26
N ALA A 159 -10.51 -18.06 -5.98
CA ALA A 159 -11.07 -19.24 -5.33
C ALA A 159 -10.04 -19.86 -4.38
N ALA A 160 -8.78 -19.96 -4.82
CA ALA A 160 -7.74 -20.49 -3.94
C ALA A 160 -7.55 -19.61 -2.71
N ALA A 161 -7.56 -18.30 -2.89
CA ALA A 161 -7.44 -17.39 -1.75
C ALA A 161 -8.60 -17.57 -0.77
N LEU A 162 -9.82 -17.70 -1.27
CA LEU A 162 -10.94 -17.88 -0.36
C LEU A 162 -10.90 -19.25 0.31
N ALA A 163 -10.49 -20.29 -0.42
CA ALA A 163 -10.48 -21.64 0.14
C ALA A 163 -9.40 -21.78 1.20
N SER A 164 -8.18 -21.31 0.91
CA SER A 164 -7.13 -21.33 1.93
C SER A 164 -7.53 -20.50 3.14
N ALA A 165 -8.08 -19.31 2.92
CA ALA A 165 -8.56 -18.50 4.04
C ALA A 165 -9.65 -19.22 4.81
N SER A 166 -10.51 -20.01 4.13
CA SER A 166 -11.57 -20.68 4.87
C SER A 166 -11.00 -21.64 5.89
N ILE A 167 -9.86 -22.25 5.61
CA ILE A 167 -9.25 -23.18 6.56
C ILE A 167 -8.79 -22.43 7.81
N ILE A 168 -8.06 -21.33 7.63
CA ILE A 168 -7.41 -20.70 8.78
C ILE A 168 -8.40 -19.91 9.62
N PHE A 169 -9.56 -19.54 9.08
CA PHE A 169 -10.56 -18.81 9.86
C PHE A 169 -11.52 -19.72 10.62
N LYS A 170 -11.56 -21.01 10.28
CA LYS A 170 -12.55 -21.90 10.90
C LYS A 170 -12.44 -21.95 12.43
N PRO A 171 -11.25 -22.03 13.05
CA PRO A 171 -11.23 -22.13 14.53
C PRO A 171 -11.89 -20.97 15.25
N THR A 172 -11.69 -19.73 14.78
CA THR A 172 -12.20 -18.57 15.49
C THR A 172 -13.48 -17.99 14.91
N ASP A 173 -13.81 -18.27 13.63
CA ASP A 173 -15.03 -17.69 13.03
C ASP A 173 -15.55 -18.69 12.00
N SER A 174 -16.33 -19.67 12.48
CA SER A 174 -16.79 -20.75 11.61
C SER A 174 -17.77 -20.26 10.56
N SER A 175 -18.63 -19.29 10.90
CA SER A 175 -19.58 -18.82 9.91
C SER A 175 -18.88 -18.01 8.81
N TYR A 176 -17.88 -17.20 9.16
CA TYR A 176 -17.12 -16.52 8.12
C TYR A 176 -16.36 -17.54 7.27
N SER A 177 -15.78 -18.55 7.92
CA SER A 177 -15.11 -19.64 7.20
C SER A 177 -16.06 -20.28 6.18
N GLU A 178 -17.28 -20.62 6.63
CA GLU A 178 -18.24 -21.26 5.74
C GLU A 178 -18.61 -20.34 4.57
N LYS A 179 -18.70 -19.03 4.82
CA LYS A 179 -19.00 -18.09 3.75
C LYS A 179 -17.87 -18.01 2.73
N LEU A 180 -16.63 -17.93 3.21
CA LEU A 180 -15.47 -17.97 2.32
C LEU A 180 -15.49 -19.22 1.45
N LEU A 181 -15.80 -20.36 2.06
CA LEU A 181 -15.73 -21.62 1.32
C LEU A 181 -16.82 -21.68 0.24
N ALA A 182 -18.02 -21.19 0.57
CA ALA A 182 -19.11 -21.23 -0.40
C ALA A 182 -18.81 -20.36 -1.61
N HIS A 183 -18.19 -19.20 -1.38
CA HIS A 183 -17.79 -18.35 -2.50
C HIS A 183 -16.66 -18.99 -3.30
N ALA A 184 -15.75 -19.70 -2.62
CA ALA A 184 -14.64 -20.35 -3.32
C ALA A 184 -15.14 -21.42 -4.28
N LYS A 185 -16.13 -22.20 -3.86
CA LYS A 185 -16.71 -23.22 -4.75
C LYS A 185 -17.33 -22.57 -5.99
N GLN A 186 -18.05 -21.47 -5.83
CA GLN A 186 -18.66 -20.78 -6.97
C GLN A 186 -17.60 -20.23 -7.91
N LEU A 187 -16.60 -19.52 -7.36
CA LEU A 187 -15.54 -18.96 -8.21
C LEU A 187 -14.80 -20.06 -8.96
N TYR A 188 -14.58 -21.20 -8.33
CA TYR A 188 -13.88 -22.26 -9.03
C TYR A 188 -14.74 -22.83 -10.16
N ASP A 189 -16.05 -22.98 -9.94
CA ASP A 189 -16.91 -23.43 -11.03
C ASP A 189 -16.88 -22.44 -12.17
N PHE A 190 -16.85 -21.14 -11.86
CA PHE A 190 -16.70 -20.10 -12.88
C PHE A 190 -15.39 -20.30 -13.65
N ALA A 191 -14.29 -20.44 -12.94
CA ALA A 191 -12.98 -20.66 -13.56
C ALA A 191 -12.98 -21.91 -14.45
N ASP A 192 -13.60 -22.99 -13.96
CA ASP A 192 -13.59 -24.26 -14.68
C ASP A 192 -14.48 -24.21 -15.92
N ARG A 193 -15.69 -23.66 -15.78
CA ARG A 193 -16.67 -23.76 -16.86
C ARG A 193 -16.48 -22.71 -17.95
N TYR A 194 -15.94 -21.54 -17.61
CA TYR A 194 -15.79 -20.46 -18.59
C TYR A 194 -14.32 -20.12 -18.67
N ARG A 195 -13.67 -20.64 -19.70
CA ARG A 195 -12.21 -20.68 -19.80
C ARG A 195 -11.69 -19.47 -20.56
N GLY A 196 -10.66 -18.83 -19.99
CA GLY A 196 -9.96 -17.76 -20.69
C GLY A 196 -9.00 -17.06 -19.75
N LYS A 197 -8.05 -16.30 -20.30
CA LYS A 197 -7.18 -15.48 -19.49
C LYS A 197 -7.88 -14.17 -19.14
N TYR A 198 -7.81 -13.77 -17.87
CA TYR A 198 -8.56 -12.60 -17.43
C TYR A 198 -8.09 -11.32 -18.12
N SER A 199 -6.80 -11.26 -18.48
CA SER A 199 -6.26 -10.07 -19.12
C SER A 199 -6.68 -9.94 -20.57
N ASP A 200 -7.30 -10.97 -21.15
CA ASP A 200 -7.97 -10.81 -22.43
C ASP A 200 -9.34 -10.14 -22.28
N CYS A 201 -9.85 -10.01 -21.06
N CYS A 201 -9.88 -10.11 -21.06
CA CYS A 201 -11.12 -9.32 -20.82
CA CYS A 201 -11.12 -9.40 -20.76
C CYS A 201 -10.95 -8.01 -20.08
C CYS A 201 -10.83 -8.03 -20.17
N ILE A 202 -10.16 -8.00 -19.01
CA ILE A 202 -9.74 -6.75 -18.37
C ILE A 202 -8.44 -6.37 -19.05
N THR A 203 -8.57 -5.81 -20.24
CA THR A 203 -7.40 -5.65 -21.10
C THR A 203 -6.41 -4.64 -20.53
N ASP A 204 -6.85 -3.72 -19.67
CA ASP A 204 -5.89 -2.83 -19.02
C ASP A 204 -4.81 -3.63 -18.28
N ALA A 205 -5.18 -4.77 -17.70
CA ALA A 205 -4.23 -5.53 -16.90
C ALA A 205 -3.08 -6.09 -17.72
N GLN A 206 -3.22 -6.15 -19.05
CA GLN A 206 -2.15 -6.68 -19.90
C GLN A 206 -0.86 -5.91 -19.75
N GLN A 207 -0.94 -4.63 -19.40
CA GLN A 207 0.23 -3.79 -19.37
C GLN A 207 0.90 -3.77 -18.01
N TYR A 208 0.33 -4.46 -17.01
CA TYR A 208 0.87 -4.43 -15.66
C TYR A 208 0.99 -5.84 -15.10
N TYR A 209 -0.08 -6.62 -15.18
CA TYR A 209 -0.12 -7.97 -14.63
C TYR A 209 -0.68 -8.93 -15.68
N ASN A 210 0.01 -8.96 -16.82
CA ASN A 210 -0.39 -9.83 -17.92
C ASN A 210 -0.35 -11.30 -17.49
N SER A 211 -1.31 -12.08 -17.96
CA SER A 211 -1.33 -13.51 -17.67
C SER A 211 -0.33 -14.22 -18.59
N TRP A 212 0.95 -14.03 -18.28
CA TRP A 212 2.01 -14.62 -19.12
C TRP A 212 1.89 -16.14 -19.15
N SER A 213 1.61 -16.76 -18.00
CA SER A 213 1.60 -18.22 -17.92
C SER A 213 0.27 -18.84 -18.34
N GLY A 214 -0.78 -18.05 -18.55
CA GLY A 214 -2.08 -18.66 -18.80
C GLY A 214 -2.75 -19.07 -17.49
N TYR A 215 -3.76 -19.93 -17.61
CA TYR A 215 -4.60 -20.26 -16.46
C TYR A 215 -4.57 -21.74 -16.07
N LYS A 216 -3.83 -22.58 -16.79
CA LYS A 216 -3.81 -23.98 -16.42
C LYS A 216 -3.26 -24.17 -15.00
N ASP A 217 -2.34 -23.30 -14.56
CA ASP A 217 -1.81 -23.44 -13.22
C ASP A 217 -2.85 -23.07 -12.17
N GLU A 218 -3.63 -22.01 -12.41
CA GLU A 218 -4.63 -21.62 -11.41
C GLU A 218 -5.76 -22.63 -11.31
N LEU A 219 -6.08 -23.32 -12.41
CA LEU A 219 -7.11 -24.36 -12.33
C LEU A 219 -6.69 -25.48 -11.38
N THR A 220 -5.41 -25.88 -11.41
CA THR A 220 -4.94 -26.88 -10.47
C THR A 220 -4.89 -26.32 -9.05
N TRP A 221 -4.35 -25.11 -8.92
CA TRP A 221 -4.20 -24.40 -7.66
C TRP A 221 -5.54 -24.26 -6.93
N GLY A 222 -6.57 -23.79 -7.63
CA GLY A 222 -7.87 -23.64 -6.98
C GLY A 222 -8.46 -24.97 -6.55
N ALA A 223 -8.30 -26.00 -7.38
CA ALA A 223 -8.86 -27.30 -7.05
C ALA A 223 -8.18 -27.91 -5.84
N VAL A 224 -6.85 -27.83 -5.77
CA VAL A 224 -6.18 -28.49 -4.65
C VAL A 224 -6.47 -27.76 -3.36
N TRP A 225 -6.58 -26.43 -3.41
CA TRP A 225 -6.97 -25.69 -2.21
C TRP A 225 -8.39 -26.04 -1.76
N LEU A 226 -9.29 -26.24 -2.73
CA LEU A 226 -10.64 -26.67 -2.35
C LEU A 226 -10.62 -28.07 -1.74
N TYR A 227 -9.74 -28.95 -2.23
CA TYR A 227 -9.59 -30.25 -1.58
C TYR A 227 -9.12 -30.09 -0.14
N LEU A 228 -8.07 -29.29 0.08
CA LEU A 228 -7.56 -29.09 1.43
C LEU A 228 -8.62 -28.49 2.34
N ALA A 229 -9.52 -27.69 1.80
CA ALA A 229 -10.52 -27.00 2.59
C ALA A 229 -11.77 -27.83 2.84
N THR A 230 -12.02 -28.87 2.04
CA THR A 230 -13.21 -29.69 2.19
C THR A 230 -12.94 -31.16 2.46
N GLU A 231 -11.74 -31.64 2.13
CA GLU A 231 -11.40 -33.06 2.19
C GLU A 231 -12.40 -33.92 1.41
N GLU A 232 -13.00 -33.33 0.37
CA GLU A 232 -13.88 -34.09 -0.53
C GLU A 232 -13.08 -34.55 -1.74
N GLN A 233 -13.14 -35.86 -2.02
CA GLN A 233 -12.29 -36.46 -3.03
C GLN A 233 -12.49 -35.83 -4.42
N GLN A 234 -13.70 -35.33 -4.70
CA GLN A 234 -13.97 -34.78 -6.03
C GLN A 234 -12.98 -33.67 -6.38
N TYR A 235 -12.59 -32.86 -5.40
CA TYR A 235 -11.67 -31.76 -5.69
C TYR A 235 -10.24 -32.26 -5.90
N LEU A 236 -9.83 -33.31 -5.20
CA LEU A 236 -8.53 -33.89 -5.50
C LEU A 236 -8.53 -34.50 -6.89
N ASP A 237 -9.62 -35.19 -7.25
CA ASP A 237 -9.76 -35.74 -8.60
C ASP A 237 -9.68 -34.65 -9.65
N LYS A 238 -10.40 -33.55 -9.42
CA LYS A 238 -10.36 -32.42 -10.36
C LYS A 238 -8.95 -31.84 -10.47
N ALA A 239 -8.28 -31.66 -9.33
CA ALA A 239 -6.90 -31.18 -9.35
C ALA A 239 -6.03 -32.09 -10.21
N LEU A 240 -6.11 -33.40 -9.98
CA LEU A 240 -5.26 -34.33 -10.72
C LEU A 240 -5.63 -34.35 -12.19
N ALA A 241 -6.93 -34.32 -12.50
CA ALA A 241 -7.36 -34.27 -13.91
C ALA A 241 -6.83 -33.02 -14.59
N SER A 242 -6.86 -31.87 -13.90
CA SER A 242 -6.39 -30.61 -14.48
C SER A 242 -4.91 -30.67 -14.84
N VAL A 243 -4.13 -31.52 -14.16
CA VAL A 243 -2.71 -31.65 -14.46
C VAL A 243 -2.46 -32.28 -15.84
N SER A 244 -3.43 -33.02 -16.38
CA SER A 244 -3.23 -33.56 -17.71
C SER A 244 -3.01 -32.45 -18.73
N ASP A 245 -3.62 -31.28 -18.50
CA ASP A 245 -3.39 -30.15 -19.40
C ASP A 245 -2.03 -29.51 -19.21
N TRP A 246 -1.21 -29.97 -18.25
CA TRP A 246 0.17 -29.50 -18.14
C TRP A 246 1.09 -30.18 -19.15
N GLY A 247 0.61 -31.22 -19.82
CA GLY A 247 1.41 -31.91 -20.80
C GLY A 247 2.37 -32.91 -20.17
N ASP A 248 3.28 -33.39 -21.00
CA ASP A 248 4.30 -34.36 -20.63
C ASP A 248 5.03 -33.89 -19.37
N PRO A 249 5.01 -34.68 -18.28
CA PRO A 249 5.67 -34.24 -17.04
C PRO A 249 7.15 -34.00 -17.19
N ALA A 250 7.80 -34.65 -18.16
CA ALA A 250 9.21 -34.40 -18.40
C ALA A 250 9.47 -32.96 -18.84
N ASN A 251 8.48 -32.29 -19.41
CA ASN A 251 8.63 -30.94 -19.93
C ASN A 251 8.04 -29.87 -19.02
N TRP A 252 7.63 -30.21 -17.80
CA TRP A 252 7.07 -29.19 -16.91
C TRP A 252 8.14 -28.15 -16.60
N PRO A 253 7.79 -26.86 -16.56
CA PRO A 253 8.81 -25.83 -16.28
C PRO A 253 9.40 -26.01 -14.89
N TYR A 254 10.66 -25.58 -14.75
CA TYR A 254 11.34 -25.61 -13.46
C TYR A 254 12.30 -24.45 -13.25
N ARG A 255 12.46 -23.55 -14.22
CA ARG A 255 13.45 -22.49 -14.14
C ARG A 255 12.89 -21.17 -13.63
N TRP A 256 11.59 -21.11 -13.33
CA TRP A 256 11.02 -19.92 -12.71
C TRP A 256 10.74 -20.23 -11.24
N THR A 257 9.80 -19.55 -10.62
CA THR A 257 9.40 -19.89 -9.26
C THR A 257 7.96 -19.45 -9.05
N LEU A 258 7.43 -19.79 -7.88
CA LEU A 258 6.11 -19.33 -7.47
C LEU A 258 6.01 -17.81 -7.64
N SER A 259 4.91 -17.33 -8.22
CA SER A 259 4.66 -15.90 -8.31
C SER A 259 3.16 -15.65 -8.51
N TRP A 260 2.78 -14.38 -8.51
CA TRP A 260 1.39 -13.99 -8.79
C TRP A 260 0.93 -14.50 -10.13
N ASP A 261 1.85 -14.72 -11.07
CA ASP A 261 1.52 -15.14 -12.42
C ASP A 261 1.51 -16.65 -12.55
N ASP A 262 2.53 -17.33 -12.01
CA ASP A 262 2.67 -18.76 -12.19
C ASP A 262 2.60 -19.47 -10.84
N VAL A 263 1.46 -20.10 -10.56
CA VAL A 263 1.30 -20.84 -9.31
C VAL A 263 1.51 -22.33 -9.53
N THR A 264 2.09 -22.74 -10.67
CA THR A 264 2.43 -24.14 -10.87
C THR A 264 3.23 -24.67 -9.70
N TYR A 265 4.22 -23.90 -9.24
CA TYR A 265 5.15 -24.34 -8.22
C TYR A 265 4.46 -24.56 -6.88
N GLY A 266 3.47 -23.74 -6.54
CA GLY A 266 2.67 -24.00 -5.36
C GLY A 266 1.77 -25.22 -5.51
N ALA A 267 1.14 -25.36 -6.68
CA ALA A 267 0.18 -26.44 -6.88
C ALA A 267 0.88 -27.81 -6.84
N GLN A 268 1.99 -27.95 -7.56
CA GLN A 268 2.68 -29.23 -7.59
C GLN A 268 3.27 -29.58 -6.22
N LEU A 269 3.66 -28.57 -5.44
CA LEU A 269 4.17 -28.86 -4.10
C LEU A 269 3.07 -29.43 -3.21
N LEU A 270 1.89 -28.79 -3.24
CA LEU A 270 0.76 -29.28 -2.45
C LEU A 270 0.35 -30.67 -2.90
N LEU A 271 0.36 -30.92 -4.22
CA LEU A 271 -0.05 -32.22 -4.72
C LEU A 271 0.99 -33.29 -4.39
N ALA A 272 2.27 -32.91 -4.39
CA ALA A 272 3.32 -33.86 -4.01
C ALA A 272 3.10 -34.37 -2.59
N ARG A 273 2.78 -33.45 -1.66
CA ARG A 273 2.55 -33.87 -0.28
C ARG A 273 1.33 -34.75 -0.17
N LEU A 274 0.30 -34.48 -0.98
CA LEU A 274 -0.94 -35.23 -0.88
C LEU A 274 -0.84 -36.60 -1.52
N THR A 275 -0.03 -36.75 -2.57
CA THR A 275 -0.03 -37.97 -3.37
C THR A 275 1.27 -38.75 -3.35
N ASN A 276 2.41 -38.09 -3.10
CA ASN A 276 3.72 -38.69 -3.31
C ASN A 276 3.86 -39.22 -4.73
N ASP A 277 3.09 -38.67 -5.66
CA ASP A 277 3.20 -39.01 -7.08
C ASP A 277 4.52 -38.48 -7.61
N SER A 278 5.30 -39.37 -8.23
CA SER A 278 6.64 -38.99 -8.67
C SER A 278 6.62 -37.84 -9.66
N ARG A 279 5.53 -37.66 -10.41
CA ARG A 279 5.41 -36.50 -11.29
C ARG A 279 5.64 -35.20 -10.52
N PHE A 280 4.93 -35.04 -9.41
CA PHE A 280 5.02 -33.79 -8.67
C PHE A 280 6.31 -33.72 -7.86
N VAL A 281 6.73 -34.85 -7.28
CA VAL A 281 7.96 -34.86 -6.50
C VAL A 281 9.14 -34.47 -7.38
N LYS A 282 9.25 -35.09 -8.56
CA LYS A 282 10.39 -34.80 -9.44
C LYS A 282 10.37 -33.34 -9.89
N SER A 283 9.19 -32.82 -10.23
CA SER A 283 9.11 -31.45 -10.71
C SER A 283 9.47 -30.47 -9.60
N VAL A 284 8.97 -30.70 -8.37
CA VAL A 284 9.33 -29.84 -7.25
C VAL A 284 10.84 -29.83 -7.04
N GLU A 285 11.45 -31.02 -7.15
CA GLU A 285 12.87 -31.12 -6.84
C GLU A 285 13.74 -30.61 -7.99
N ARG A 286 13.26 -30.73 -9.23
CA ARG A 286 13.94 -30.06 -10.34
C ARG A 286 14.02 -28.57 -10.09
N ASN A 287 12.90 -27.97 -9.70
CA ASN A 287 12.87 -26.53 -9.47
C ASN A 287 13.78 -26.13 -8.32
N LEU A 288 13.66 -26.81 -7.17
CA LEU A 288 14.45 -26.38 -6.01
C LEU A 288 15.92 -26.77 -6.13
N ASP A 289 16.23 -27.86 -6.85
CA ASP A 289 17.63 -28.12 -7.17
C ASP A 289 18.20 -26.97 -8.00
N TYR A 290 17.49 -26.59 -9.07
CA TYR A 290 17.96 -25.51 -9.94
C TYR A 290 18.19 -24.22 -9.14
N TRP A 291 17.37 -23.97 -8.13
CA TRP A 291 17.49 -22.75 -7.32
C TRP A 291 18.59 -22.81 -6.28
N SER A 292 18.95 -24.02 -5.81
CA SER A 292 19.83 -24.14 -4.65
C SER A 292 21.18 -24.67 -5.11
N THR A 293 21.42 -25.99 -5.12
CA THR A 293 22.74 -26.52 -5.41
C THR A 293 23.00 -26.70 -6.89
N GLY A 294 21.95 -26.69 -7.71
CA GLY A 294 22.08 -27.02 -9.11
C GLY A 294 21.30 -28.28 -9.40
N TYR A 295 20.68 -28.33 -10.58
CA TYR A 295 19.93 -29.48 -11.05
C TYR A 295 20.80 -30.30 -11.98
N SER A 296 20.96 -31.59 -11.67
CA SER A 296 21.85 -32.45 -12.45
C SER A 296 21.05 -33.15 -13.55
N HIS A 297 21.47 -32.93 -14.79
CA HIS A 297 20.94 -33.64 -15.96
C HIS A 297 21.60 -35.00 -16.15
N ASN A 298 22.24 -35.50 -15.09
CA ASN A 298 23.17 -36.63 -15.09
C ASN A 298 24.53 -36.22 -15.65
N GLY A 299 24.54 -35.48 -16.76
CA GLY A 299 25.78 -35.10 -17.41
C GLY A 299 26.27 -33.67 -17.20
N SER A 300 25.38 -32.76 -16.76
CA SER A 300 25.79 -31.40 -16.47
C SER A 300 24.92 -30.85 -15.36
N ILE A 301 25.37 -29.76 -14.75
CA ILE A 301 24.67 -29.10 -13.64
C ILE A 301 24.09 -27.79 -14.15
N GLU A 302 22.78 -27.62 -13.98
CA GLU A 302 22.10 -26.41 -14.39
C GLU A 302 21.63 -25.67 -13.14
N ARG A 303 21.96 -24.38 -13.05
CA ARG A 303 21.73 -23.65 -11.81
C ARG A 303 21.41 -22.19 -12.11
N ILE A 304 20.51 -21.63 -11.30
CA ILE A 304 20.13 -20.23 -11.44
C ILE A 304 21.35 -19.34 -11.21
N THR A 305 21.32 -18.14 -11.78
CA THR A 305 22.35 -17.15 -11.51
C THR A 305 22.39 -16.83 -10.02
N TYR A 306 23.59 -16.78 -9.45
CA TYR A 306 23.83 -16.24 -8.12
C TYR A 306 24.66 -14.97 -8.22
N THR A 307 24.31 -13.96 -7.42
CA THR A 307 25.19 -12.83 -7.30
C THR A 307 26.47 -13.27 -6.59
N PRO A 308 27.58 -12.55 -6.77
CA PRO A 308 28.76 -12.84 -5.96
C PRO A 308 28.47 -12.85 -4.46
N GLY A 309 27.52 -12.02 -4.01
CA GLY A 309 27.13 -11.94 -2.61
C GLY A 309 26.22 -13.04 -2.12
N GLY A 310 25.82 -13.97 -2.98
CA GLY A 310 25.08 -15.14 -2.56
C GLY A 310 23.58 -15.13 -2.79
N LEU A 311 23.04 -14.11 -3.45
CA LEU A 311 21.60 -14.06 -3.72
C LEU A 311 21.25 -14.87 -4.97
N ALA A 312 20.26 -15.74 -4.85
CA ALA A 312 19.74 -16.45 -6.02
C ALA A 312 18.89 -15.48 -6.84
N TRP A 313 19.32 -15.20 -8.08
CA TRP A 313 18.91 -14.00 -8.81
C TRP A 313 18.17 -14.41 -10.08
N LEU A 314 16.85 -14.24 -10.09
CA LEU A 314 16.01 -14.69 -11.20
C LEU A 314 15.91 -13.66 -12.31
N GLU A 315 15.67 -12.39 -11.97
CA GLU A 315 15.56 -11.35 -12.99
C GLU A 315 15.60 -9.99 -12.32
N GLN A 316 15.47 -8.95 -13.15
CA GLN A 316 15.80 -7.59 -12.72
CA GLN A 316 15.80 -7.58 -12.73
C GLN A 316 14.75 -7.00 -11.80
N TRP A 317 13.51 -7.43 -11.90
CA TRP A 317 12.42 -6.81 -11.16
C TRP A 317 11.96 -7.71 -10.02
N GLY A 318 11.90 -7.14 -8.82
CA GLY A 318 11.51 -7.92 -7.65
C GLY A 318 12.43 -9.11 -7.43
N SER A 319 13.74 -8.89 -7.55
CA SER A 319 14.73 -9.95 -7.35
C SER A 319 14.56 -10.62 -5.98
N LEU A 320 14.43 -9.82 -4.92
CA LEU A 320 14.28 -10.38 -3.58
C LEU A 320 12.96 -11.13 -3.45
N ARG A 321 11.87 -10.58 -4.01
CA ARG A 321 10.58 -11.29 -4.02
C ARG A 321 10.74 -12.70 -4.60
N TYR A 322 11.47 -12.82 -5.70
CA TYR A 322 11.60 -14.14 -6.31
C TYR A 322 12.41 -15.08 -5.43
N ALA A 323 13.51 -14.59 -4.83
CA ALA A 323 14.28 -15.46 -3.94
C ALA A 323 13.49 -15.82 -2.69
N SER A 324 12.68 -14.89 -2.20
CA SER A 324 11.81 -15.19 -1.08
C SER A 324 10.75 -16.22 -1.45
N ASN A 325 10.14 -16.07 -2.64
CA ASN A 325 9.14 -17.05 -3.06
C ASN A 325 9.75 -18.44 -3.16
N ALA A 326 10.96 -18.54 -3.71
CA ALA A 326 11.65 -19.82 -3.78
C ALA A 326 11.95 -20.35 -2.38
N ALA A 327 12.38 -19.47 -1.47
CA ALA A 327 12.71 -19.90 -0.10
C ALA A 327 11.48 -20.45 0.62
N PHE A 328 10.31 -19.90 0.35
CA PHE A 328 9.09 -20.40 0.97
C PHE A 328 8.76 -21.80 0.47
N LEU A 329 8.85 -22.02 -0.85
CA LEU A 329 8.69 -23.39 -1.35
C LEU A 329 9.70 -24.32 -0.71
N ALA A 330 10.96 -23.87 -0.61
CA ALA A 330 12.00 -24.67 0.01
C ALA A 330 11.65 -25.00 1.47
N PHE A 331 11.21 -23.99 2.24
CA PHE A 331 10.82 -24.24 3.63
C PHE A 331 9.71 -25.28 3.72
N VAL A 332 8.63 -25.08 2.96
CA VAL A 332 7.48 -25.97 3.07
C VAL A 332 7.86 -27.38 2.64
N TYR A 333 8.65 -27.50 1.58
CA TYR A 333 9.07 -28.83 1.14
C TYR A 333 9.98 -29.50 2.16
N SER A 334 10.92 -28.74 2.73
CA SER A 334 11.83 -29.34 3.71
C SER A 334 11.12 -29.71 5.01
N ASP A 335 9.95 -29.16 5.28
CA ASP A 335 9.18 -29.64 6.43
C ASP A 335 8.38 -30.88 6.11
N TRP A 336 8.32 -31.29 4.84
CA TRP A 336 7.59 -32.47 4.42
C TRP A 336 8.49 -33.66 4.11
N VAL A 337 9.47 -33.47 3.22
CA VAL A 337 10.27 -34.55 2.65
C VAL A 337 11.30 -35.01 3.66
N ASP A 338 11.68 -36.29 3.58
CA ASP A 338 12.59 -36.95 4.51
C ASP A 338 14.03 -37.05 3.99
N THR A 339 14.28 -36.65 2.75
CA THR A 339 15.53 -36.94 2.07
C THR A 339 16.58 -35.86 2.32
N GLU A 340 17.78 -36.06 1.76
N GLU A 340 17.77 -36.11 1.76
CA GLU A 340 18.82 -35.06 1.91
CA GLU A 340 18.87 -35.16 1.74
C GLU A 340 18.39 -33.71 1.35
C GLU A 340 18.44 -33.80 1.21
N LYS A 341 17.51 -33.72 0.34
N LYS A 341 17.47 -33.78 0.28
CA LYS A 341 17.03 -32.47 -0.25
CA LYS A 341 16.94 -32.53 -0.26
C LYS A 341 16.38 -31.58 0.80
C LYS A 341 16.47 -31.60 0.84
N ALA A 342 15.81 -32.15 1.86
CA ALA A 342 15.23 -31.33 2.93
C ALA A 342 16.27 -30.46 3.58
N LYS A 343 17.45 -31.03 3.88
CA LYS A 343 18.51 -30.25 4.51
C LYS A 343 19.05 -29.18 3.56
N ARG A 344 19.34 -29.58 2.31
N ARG A 344 19.34 -29.58 2.33
CA ARG A 344 19.87 -28.63 1.33
CA ARG A 344 19.86 -28.65 1.34
C ARG A 344 18.91 -27.48 1.08
C ARG A 344 18.90 -27.48 1.11
N TYR A 345 17.60 -27.78 0.96
CA TYR A 345 16.63 -26.72 0.69
C TYR A 345 16.46 -25.80 1.88
N ARG A 346 16.46 -26.38 3.09
CA ARG A 346 16.34 -25.58 4.30
C ARG A 346 17.49 -24.60 4.42
N ASP A 347 18.73 -25.09 4.23
CA ASP A 347 19.90 -24.22 4.27
C ASP A 347 19.80 -23.13 3.22
N PHE A 348 19.36 -23.48 2.01
CA PHE A 348 19.15 -22.48 0.97
C PHE A 348 18.17 -21.42 1.41
N ALA A 349 17.03 -21.83 1.96
CA ALA A 349 16.00 -20.88 2.35
C ALA A 349 16.49 -19.94 3.43
N VAL A 350 17.22 -20.47 4.40
CA VAL A 350 17.74 -19.62 5.47
C VAL A 350 18.74 -18.62 4.91
N ARG A 351 19.69 -19.08 4.10
CA ARG A 351 20.70 -18.19 3.54
C ARG A 351 20.07 -17.08 2.71
N GLN A 352 19.10 -17.41 1.85
CA GLN A 352 18.44 -16.36 1.07
C GLN A 352 17.72 -15.37 1.98
N THR A 353 17.00 -15.87 3.00
CA THR A 353 16.33 -14.98 3.94
C THR A 353 17.34 -14.10 4.67
N GLU A 354 18.47 -14.68 5.07
CA GLU A 354 19.50 -13.88 5.76
C GLU A 354 20.11 -12.83 4.83
N TYR A 355 20.23 -13.14 3.53
CA TYR A 355 20.70 -12.12 2.60
C TYR A 355 19.80 -10.89 2.63
N MET A 356 18.49 -11.08 2.44
CA MET A 356 17.65 -9.89 2.35
C MET A 356 17.48 -9.18 3.69
N LEU A 357 17.84 -9.82 4.80
CA LEU A 357 17.75 -9.18 6.10
C LEU A 357 19.05 -8.48 6.52
N GLY A 358 20.10 -8.53 5.70
CA GLY A 358 21.26 -7.72 5.95
C GLY A 358 22.62 -8.36 5.64
N ASP A 359 22.63 -9.68 5.40
CA ASP A 359 23.90 -10.39 5.21
C ASP A 359 24.23 -10.38 3.72
N ASN A 360 24.71 -9.23 3.27
CA ASN A 360 24.86 -8.98 1.85
C ASN A 360 25.97 -7.94 1.66
N PRO A 361 26.43 -7.74 0.42
CA PRO A 361 27.53 -6.78 0.19
C PRO A 361 27.16 -5.34 0.51
N GLN A 362 25.87 -4.97 0.46
CA GLN A 362 25.48 -3.62 0.83
C GLN A 362 25.42 -3.44 2.35
N GLN A 363 25.60 -4.52 3.11
CA GLN A 363 25.54 -4.51 4.56
C GLN A 363 24.33 -3.75 5.07
N ARG A 364 23.15 -4.15 4.58
CA ARG A 364 21.93 -3.46 4.99
C ARG A 364 20.72 -4.37 4.78
N SER A 365 19.75 -4.19 5.66
CA SER A 365 18.44 -4.78 5.48
C SER A 365 17.75 -4.22 4.24
N PHE A 366 17.01 -5.06 3.52
CA PHE A 366 16.15 -4.60 2.45
C PHE A 366 14.68 -4.61 2.85
N VAL A 367 14.41 -4.53 4.15
CA VAL A 367 13.06 -4.42 4.68
C VAL A 367 12.93 -3.03 5.28
N VAL A 368 11.98 -2.23 4.75
CA VAL A 368 11.85 -0.84 5.20
C VAL A 368 11.57 -0.82 6.69
N GLY A 369 12.28 0.07 7.40
CA GLY A 369 12.02 0.23 8.82
C GLY A 369 12.47 -0.92 9.70
N TYR A 370 13.32 -1.80 9.20
CA TYR A 370 13.81 -2.92 9.99
C TYR A 370 15.31 -3.09 9.78
N GLY A 371 16.02 -3.31 10.88
CA GLY A 371 17.40 -3.76 10.78
C GLY A 371 18.38 -2.63 10.48
N LYS A 372 19.50 -3.03 9.90
CA LYS A 372 20.61 -2.10 9.67
C LYS A 372 20.39 -1.34 8.37
N ASN A 373 20.43 0.00 8.46
CA ASN A 373 20.39 0.92 7.33
C ASN A 373 19.35 0.51 6.27
N PRO A 374 18.09 0.33 6.66
CA PRO A 374 17.06 -0.13 5.71
C PRO A 374 16.78 0.92 4.65
N PRO A 375 16.09 0.55 3.55
CA PRO A 375 15.81 1.53 2.50
C PRO A 375 14.95 2.67 3.03
N LYS A 376 15.39 3.91 2.76
CA LYS A 376 14.69 5.10 3.19
C LYS A 376 13.74 5.66 2.15
N HIS A 377 13.90 5.27 0.88
CA HIS A 377 13.14 5.89 -0.21
C HIS A 377 12.38 4.86 -1.04
N PRO A 378 11.55 4.01 -0.41
CA PRO A 378 10.79 3.05 -1.21
C PRO A 378 9.84 3.78 -2.17
N HIS A 379 9.61 3.15 -3.32
CA HIS A 379 8.78 3.71 -4.38
C HIS A 379 7.32 3.56 -3.96
N HIS A 380 6.81 4.53 -3.19
CA HIS A 380 5.50 4.42 -2.56
C HIS A 380 4.90 5.81 -2.41
N ARG A 381 3.78 6.06 -3.08
CA ARG A 381 3.20 7.41 -3.11
C ARG A 381 2.81 7.89 -1.72
N THR A 382 2.04 7.08 -0.98
CA THR A 382 1.47 7.62 0.25
C THR A 382 2.49 7.71 1.38
N ALA A 383 3.43 6.76 1.44
CA ALA A 383 4.49 6.88 2.43
C ALA A 383 5.39 8.07 2.16
N HIS A 384 5.61 8.40 0.89
CA HIS A 384 6.42 9.57 0.56
C HIS A 384 5.70 10.85 0.95
N GLY A 385 4.45 10.98 0.51
CA GLY A 385 3.61 12.09 0.94
C GLY A 385 3.84 13.39 0.20
N SER A 386 3.99 13.35 -1.12
CA SER A 386 4.17 14.58 -1.89
C SER A 386 2.89 15.42 -1.90
N TRP A 387 3.04 16.72 -1.66
CA TRP A 387 1.94 17.65 -1.85
C TRP A 387 2.00 18.32 -3.21
N ALA A 388 2.98 17.97 -4.04
CA ALA A 388 3.32 18.74 -5.22
C ALA A 388 3.36 17.91 -6.48
N ASN A 389 2.86 16.68 -6.45
CA ASN A 389 2.86 15.79 -7.61
C ASN A 389 4.28 15.69 -8.19
N GLN A 390 5.26 15.53 -7.31
CA GLN A 390 6.66 15.40 -7.70
C GLN A 390 7.34 14.38 -6.79
N MET A 391 8.12 13.49 -7.40
CA MET A 391 8.76 12.42 -6.64
C MET A 391 9.88 12.95 -5.75
N ASN A 392 10.43 14.13 -6.02
CA ASN A 392 11.53 14.65 -5.21
C ASN A 392 11.07 15.72 -4.24
N VAL A 393 9.76 15.87 -4.02
CA VAL A 393 9.20 16.82 -3.07
C VAL A 393 8.20 16.10 -2.18
N PRO A 394 8.46 15.92 -0.87
CA PRO A 394 9.64 16.36 -0.13
C PRO A 394 10.83 15.48 -0.46
N GLU A 395 12.05 15.85 -0.04
CA GLU A 395 13.22 15.09 -0.43
C GLU A 395 13.38 13.79 0.36
N ASN A 396 12.65 13.64 1.45
CA ASN A 396 12.62 12.40 2.22
C ASN A 396 11.17 12.02 2.49
N HIS A 397 10.93 10.73 2.72
CA HIS A 397 9.56 10.27 2.96
C HIS A 397 9.02 10.86 4.25
N ARG A 398 7.74 11.22 4.22
CA ARG A 398 7.12 11.69 5.45
C ARG A 398 6.81 10.54 6.40
N HIS A 399 6.63 9.33 5.89
CA HIS A 399 6.17 8.21 6.69
C HIS A 399 7.06 7.00 6.49
N THR A 400 7.13 6.17 7.53
CA THR A 400 7.92 4.94 7.49
C THR A 400 7.04 3.78 7.08
N LEU A 401 7.33 3.19 5.93
CA LEU A 401 6.55 2.07 5.40
C LEU A 401 7.07 0.76 6.00
N TYR A 402 6.88 0.62 7.30
CA TYR A 402 7.44 -0.52 8.04
C TYR A 402 7.10 -1.84 7.36
N GLY A 403 8.11 -2.69 7.21
CA GLY A 403 7.91 -4.08 6.81
C GLY A 403 8.01 -4.36 5.33
N ALA A 404 8.01 -3.33 4.47
CA ALA A 404 8.00 -3.59 3.03
C ALA A 404 9.34 -4.15 2.56
N LEU A 405 9.29 -5.27 1.83
CA LEU A 405 10.46 -5.84 1.18
C LEU A 405 10.63 -5.20 -0.21
N VAL A 406 11.78 -4.54 -0.44
CA VAL A 406 11.98 -3.82 -1.70
C VAL A 406 12.46 -4.78 -2.78
N GLY A 407 12.45 -4.32 -4.04
CA GLY A 407 12.92 -5.15 -5.14
C GLY A 407 14.33 -5.66 -4.94
N GLY A 408 15.23 -4.81 -4.45
CA GLY A 408 16.53 -5.25 -4.02
C GLY A 408 17.61 -5.20 -5.09
N PRO A 409 18.74 -5.85 -4.84
CA PRO A 409 19.92 -5.66 -5.67
C PRO A 409 19.80 -6.27 -7.07
N GLY A 410 20.68 -5.82 -7.95
CA GLY A 410 20.86 -6.41 -9.26
C GLY A 410 21.77 -7.63 -9.21
N ARG A 411 22.08 -8.17 -10.40
CA ARG A 411 22.78 -9.45 -10.47
C ARG A 411 24.22 -9.36 -9.99
N ASP A 412 24.76 -8.16 -9.84
CA ASP A 412 26.08 -7.94 -9.27
C ASP A 412 26.02 -7.37 -7.86
N ASP A 413 24.89 -7.56 -7.17
CA ASP A 413 24.62 -7.02 -5.84
C ASP A 413 24.53 -5.50 -5.80
N SER A 414 24.54 -4.81 -6.95
CA SER A 414 24.43 -3.35 -6.93
C SER A 414 23.02 -2.94 -6.50
N TYR A 415 22.90 -1.74 -5.93
CA TYR A 415 21.61 -1.33 -5.39
C TYR A 415 21.65 0.17 -5.11
N ARG A 416 20.53 0.86 -5.31
CA ARG A 416 20.44 2.29 -5.07
C ARG A 416 19.17 2.64 -4.30
N ASP A 417 19.32 3.28 -3.13
CA ASP A 417 18.18 3.72 -2.32
C ASP A 417 17.68 5.04 -2.89
N ASP A 418 16.83 4.94 -3.90
CA ASP A 418 16.35 6.09 -4.68
C ASP A 418 14.88 5.86 -4.99
N ILE A 419 14.05 6.88 -4.73
CA ILE A 419 12.61 6.71 -4.93
C ILE A 419 12.28 6.41 -6.39
N THR A 420 13.12 6.83 -7.33
CA THR A 420 12.86 6.61 -8.75
C THR A 420 13.46 5.30 -9.26
N ASP A 421 14.27 4.61 -8.46
CA ASP A 421 14.93 3.38 -8.89
C ASP A 421 13.95 2.23 -8.64
N TYR A 422 13.21 1.87 -9.69
CA TYR A 422 12.12 0.91 -9.56
C TYR A 422 12.65 -0.50 -9.29
N ALA A 423 13.69 -0.90 -10.00
CA ALA A 423 14.34 -2.18 -9.73
C ALA A 423 14.76 -2.28 -8.27
N SER A 424 15.39 -1.24 -7.74
CA SER A 424 15.89 -1.29 -6.38
C SER A 424 14.76 -1.21 -5.35
N ASN A 425 13.82 -0.28 -5.55
CA ASN A 425 12.95 0.17 -4.46
C ASN A 425 11.45 0.02 -4.70
N GLU A 426 11.03 -0.71 -5.72
CA GLU A 426 9.61 -1.07 -5.80
C GLU A 426 9.19 -1.86 -4.57
N VAL A 427 7.94 -1.66 -4.14
CA VAL A 427 7.31 -2.47 -3.09
C VAL A 427 5.97 -2.95 -3.64
N ALA A 428 5.46 -4.06 -3.09
CA ALA A 428 4.22 -4.63 -3.61
C ALA A 428 3.70 -5.72 -2.68
N ILE A 429 2.39 -5.93 -2.71
CA ILE A 429 1.81 -6.94 -1.83
C ILE A 429 2.32 -8.33 -2.19
N ASP A 430 2.55 -8.61 -3.48
CA ASP A 430 3.06 -9.95 -3.80
C ASP A 430 4.48 -10.12 -3.31
N TYR A 431 5.25 -9.02 -3.24
CA TYR A 431 6.61 -9.08 -2.70
C TYR A 431 6.61 -9.60 -1.27
N ASN A 432 5.65 -9.16 -0.46
CA ASN A 432 5.69 -9.48 0.95
C ASN A 432 4.97 -10.78 1.31
N ALA A 433 4.28 -11.40 0.35
CA ALA A 433 3.37 -12.48 0.72
C ALA A 433 4.13 -13.73 1.20
N ALA A 434 4.94 -14.34 0.33
CA ALA A 434 5.73 -15.48 0.81
C ALA A 434 6.73 -15.04 1.86
N PHE A 435 7.29 -13.83 1.70
CA PHE A 435 8.26 -13.33 2.65
C PHE A 435 7.71 -13.37 4.07
N THR A 436 6.45 -12.96 4.24
CA THR A 436 5.83 -13.00 5.56
C THR A 436 5.86 -14.42 6.13
N GLY A 437 5.57 -15.42 5.30
CA GLY A 437 5.67 -16.80 5.76
C GLY A 437 7.10 -17.18 6.12
N ASN A 438 8.07 -16.73 5.32
CA ASN A 438 9.46 -17.04 5.64
C ASN A 438 9.84 -16.47 6.99
N VAL A 439 9.34 -15.27 7.31
CA VAL A 439 9.63 -14.67 8.61
C VAL A 439 9.02 -15.50 9.73
N ALA A 440 7.78 -15.96 9.54
CA ALA A 440 7.16 -16.85 10.51
C ALA A 440 8.03 -18.07 10.77
N LYS A 441 8.59 -18.65 9.70
CA LYS A 441 9.45 -19.82 9.84
C LYS A 441 10.76 -19.46 10.52
N MET A 442 11.34 -18.31 10.18
CA MET A 442 12.55 -17.87 10.87
C MET A 442 12.29 -17.72 12.37
N PHE A 443 11.09 -17.24 12.73
CA PHE A 443 10.76 -17.14 14.15
C PHE A 443 10.66 -18.53 14.77
N GLN A 444 10.02 -19.46 14.06
CA GLN A 444 9.93 -20.82 14.58
C GLN A 444 11.31 -21.42 14.80
N LEU A 445 12.23 -21.19 13.87
CA LEU A 445 13.55 -21.81 13.92
C LEU A 445 14.48 -21.13 14.90
N PHE A 446 14.45 -19.81 14.95
CA PHE A 446 15.49 -19.04 15.64
C PHE A 446 14.92 -18.02 16.61
N GLY A 447 13.62 -18.00 16.85
CA GLY A 447 13.00 -16.87 17.54
C GLY A 447 12.64 -17.07 19.00
N LYS A 448 13.26 -18.04 19.67
CA LYS A 448 12.98 -18.23 21.08
C LYS A 448 13.27 -16.95 21.86
N GLY A 449 12.30 -16.50 22.65
CA GLY A 449 12.47 -15.30 23.42
C GLY A 449 12.33 -14.01 22.64
N HIS A 450 12.05 -14.07 21.34
CA HIS A 450 11.74 -12.86 20.59
C HIS A 450 10.31 -12.43 20.89
N VAL A 451 10.11 -11.16 21.23
CA VAL A 451 8.76 -10.65 21.47
C VAL A 451 8.53 -9.44 20.57
N PRO A 452 7.29 -9.18 20.16
CA PRO A 452 7.02 -8.02 19.29
C PRO A 452 7.14 -6.71 20.05
N LEU A 453 7.09 -5.62 19.31
CA LEU A 453 7.24 -4.30 19.91
C LEU A 453 5.91 -3.84 20.52
N PRO A 454 5.90 -3.42 21.78
CA PRO A 454 4.65 -2.92 22.37
C PRO A 454 4.30 -1.53 21.87
N ASP A 455 3.00 -1.25 21.84
CA ASP A 455 2.46 0.07 21.50
C ASP A 455 3.10 0.61 20.23
N PHE A 456 3.08 -0.21 19.18
CA PHE A 456 3.86 0.07 17.99
C PHE A 456 2.98 0.05 16.76
N PRO A 457 3.17 1.00 15.82
CA PRO A 457 4.14 2.10 15.83
C PRO A 457 3.65 3.31 16.61
N GLU A 458 4.57 4.15 17.07
CA GLU A 458 4.18 5.41 17.71
C GLU A 458 3.53 6.33 16.69
N LYS A 459 2.45 7.00 17.10
CA LYS A 459 1.83 8.02 16.27
C LYS A 459 2.87 9.03 15.81
N GLU A 460 2.93 9.25 14.50
CA GLU A 460 3.87 10.23 13.96
C GLU A 460 3.39 11.64 14.30
N THR A 461 4.32 12.49 14.71
CA THR A 461 4.00 13.89 14.95
C THR A 461 3.89 14.63 13.62
N PRO A 462 2.77 15.26 13.31
CA PRO A 462 2.64 15.89 12.00
C PRO A 462 3.52 17.13 11.89
N GLU A 463 4.00 17.36 10.68
CA GLU A 463 4.55 18.66 10.32
C GLU A 463 3.38 19.63 10.07
N ASP A 464 3.69 20.89 9.78
CA ASP A 464 2.62 21.85 9.48
C ASP A 464 1.89 21.40 8.22
N GLU A 465 0.57 21.22 8.34
CA GLU A 465 -0.24 20.68 7.26
C GLU A 465 -1.12 21.72 6.57
N TYR A 466 -1.69 22.63 7.34
CA TYR A 466 -2.56 23.67 6.80
C TYR A 466 -1.98 24.99 7.26
N PHE A 467 -1.73 25.91 6.34
CA PHE A 467 -1.16 27.18 6.76
C PHE A 467 -1.26 28.19 5.64
N ALA A 468 -1.21 29.46 6.01
CA ALA A 468 -1.07 30.55 5.04
C ALA A 468 0.39 30.99 5.00
N GLU A 469 0.92 31.15 3.81
CA GLU A 469 2.09 31.97 3.58
C GLU A 469 1.59 33.34 3.15
N ALA A 470 2.19 34.38 3.71
CA ALA A 470 1.68 35.72 3.43
C ALA A 470 2.82 36.71 3.33
N SER A 471 2.53 37.82 2.66
CA SER A 471 3.48 38.92 2.49
C SER A 471 2.70 40.22 2.39
N ILE A 472 3.41 41.32 2.63
CA ILE A 472 2.85 42.66 2.51
C ILE A 472 3.03 43.12 1.07
N ASN A 473 1.93 43.35 0.37
CA ASN A 473 1.98 44.06 -0.90
C ASN A 473 2.42 45.51 -0.68
N SER A 474 1.55 46.32 -0.10
CA SER A 474 1.87 47.69 0.29
C SER A 474 1.21 47.99 1.62
N SER A 475 1.68 49.06 2.26
CA SER A 475 1.07 49.58 3.49
C SER A 475 1.23 51.09 3.47
N GLY A 476 0.20 51.80 3.91
CA GLY A 476 0.21 53.25 3.97
C GLY A 476 -0.30 53.72 5.32
N ASN A 477 -0.40 55.04 5.46
CA ASN A 477 -1.03 55.50 6.69
C ASN A 477 -2.55 55.37 6.65
N SER A 478 -3.13 54.75 5.61
CA SER A 478 -4.55 54.39 5.67
C SER A 478 -4.90 53.00 5.16
N TYR A 479 -3.94 52.09 4.97
CA TYR A 479 -4.30 50.75 4.51
C TYR A 479 -3.15 49.77 4.73
N THR A 480 -3.50 48.49 4.80
CA THR A 480 -2.57 47.38 4.65
C THR A 480 -3.12 46.46 3.57
N GLU A 481 -2.28 46.05 2.63
CA GLU A 481 -2.66 45.11 1.59
C GLU A 481 -1.77 43.88 1.67
N ILE A 482 -2.40 42.69 1.74
CA ILE A 482 -1.73 41.44 2.04
C ILE A 482 -1.88 40.52 0.84
N ARG A 483 -0.81 39.77 0.53
CA ARG A 483 -0.87 38.64 -0.39
C ARG A 483 -0.79 37.35 0.41
N ALA A 484 -1.72 36.43 0.19
CA ALA A 484 -1.75 35.20 0.97
C ALA A 484 -1.94 34.00 0.04
N GLN A 485 -1.24 32.92 0.35
CA GLN A 485 -1.45 31.62 -0.29
C GLN A 485 -1.80 30.61 0.79
N LEU A 486 -3.02 30.09 0.72
CA LEU A 486 -3.53 29.13 1.71
C LEU A 486 -3.14 27.73 1.27
N ASN A 487 -2.36 27.03 2.11
CA ASN A 487 -1.78 25.74 1.78
C ASN A 487 -2.49 24.60 2.50
N ASN A 488 -2.72 23.51 1.77
CA ASN A 488 -3.04 22.20 2.34
C ASN A 488 -1.91 21.27 1.89
N ARG A 489 -0.94 21.02 2.75
CA ARG A 489 0.10 20.02 2.53
C ARG A 489 -0.05 18.85 3.50
N SER A 490 -1.29 18.45 3.74
CA SER A 490 -1.57 17.47 4.79
C SER A 490 -0.91 16.14 4.48
N GLY A 491 -0.61 15.39 5.54
CA GLY A 491 -0.02 14.08 5.37
C GLY A 491 -0.22 13.14 6.54
N TRP A 492 -0.88 13.58 7.61
CA TRP A 492 -0.99 12.76 8.83
C TRP A 492 -2.44 12.65 9.31
N PRO A 493 -3.37 12.18 8.46
CA PRO A 493 -3.24 11.72 7.07
C PRO A 493 -3.46 12.85 6.09
N ALA A 494 -3.05 12.68 4.84
CA ALA A 494 -3.47 13.61 3.80
C ALA A 494 -4.99 13.61 3.74
N LYS A 495 -5.56 14.78 3.42
CA LYS A 495 -6.99 14.96 3.44
C LYS A 495 -7.39 16.03 2.42
N LYS A 496 -8.49 15.78 1.71
CA LYS A 496 -9.07 16.79 0.83
C LYS A 496 -9.83 17.79 1.67
N THR A 497 -9.64 19.09 1.39
CA THR A 497 -10.34 20.15 2.11
C THR A 497 -10.98 21.10 1.10
N ASP A 498 -12.29 21.27 1.20
CA ASP A 498 -12.98 22.27 0.40
C ASP A 498 -13.68 23.32 1.27
N GLN A 499 -13.41 23.35 2.56
CA GLN A 499 -14.01 24.36 3.43
C GLN A 499 -12.94 25.04 4.27
N LEU A 500 -11.75 25.23 3.68
CA LEU A 500 -10.68 25.93 4.37
C LEU A 500 -10.92 27.44 4.38
N SER A 501 -10.43 28.08 5.44
CA SER A 501 -10.52 29.53 5.59
C SER A 501 -9.37 29.98 6.46
N PHE A 502 -9.13 31.28 6.48
CA PHE A 502 -8.20 31.85 7.45
C PHE A 502 -8.75 33.18 7.95
N ARG A 503 -8.18 33.65 9.06
CA ARG A 503 -8.55 34.92 9.66
C ARG A 503 -7.31 35.81 9.80
N TYR A 504 -7.48 37.08 9.46
CA TYR A 504 -6.43 38.08 9.59
C TYR A 504 -6.89 39.09 10.62
N TYR A 505 -6.11 39.23 11.70
CA TYR A 505 -6.51 39.97 12.88
C TYR A 505 -5.82 41.32 12.95
N VAL A 506 -6.59 42.35 13.32
CA VAL A 506 -6.06 43.71 13.47
C VAL A 506 -6.46 44.23 14.85
N ASP A 507 -5.69 45.20 15.32
CA ASP A 507 -6.03 45.98 16.51
C ASP A 507 -6.47 47.35 16.03
N LEU A 508 -7.71 47.74 16.36
CA LEU A 508 -8.23 49.02 15.94
C LEU A 508 -8.16 50.09 17.04
N THR A 509 -7.31 49.90 18.06
CA THR A 509 -7.23 50.89 19.12
C THR A 509 -6.91 52.27 18.57
N GLU A 510 -5.99 52.36 17.61
CA GLU A 510 -5.64 53.67 17.07
C GLU A 510 -6.80 54.28 16.29
N ALA A 511 -7.65 53.43 15.68
CA ALA A 511 -8.85 53.94 15.01
C ALA A 511 -9.82 54.54 16.02
N VAL A 512 -10.10 53.82 17.10
CA VAL A 512 -11.01 54.32 18.14
C VAL A 512 -10.49 55.63 18.73
N GLU A 513 -9.18 55.71 18.97
CA GLU A 513 -8.61 56.92 19.56
C GLU A 513 -8.77 58.11 18.61
N ALA A 514 -8.74 57.86 17.30
CA ALA A 514 -8.90 58.92 16.31
C ALA A 514 -10.35 59.23 16.00
N GLY A 515 -11.30 58.52 16.61
CA GLY A 515 -12.70 58.80 16.42
C GLY A 515 -13.40 57.91 15.43
N TYR A 516 -12.77 56.81 15.01
CA TYR A 516 -13.31 55.90 14.01
C TYR A 516 -13.64 54.55 14.66
N SER A 517 -14.20 53.64 13.88
CA SER A 517 -14.62 52.34 14.37
C SER A 517 -14.41 51.30 13.28
N ALA A 518 -14.68 50.04 13.62
CA ALA A 518 -14.54 48.96 12.64
C ALA A 518 -15.41 49.19 11.41
N GLU A 519 -16.55 49.87 11.56
CA GLU A 519 -17.41 50.15 10.42
C GLU A 519 -16.71 51.01 9.37
N ASP A 520 -15.72 51.79 9.79
CA ASP A 520 -14.98 52.68 8.89
C ASP A 520 -13.86 51.98 8.12
N ILE A 521 -13.60 50.71 8.37
CA ILE A 521 -12.56 49.98 7.67
C ILE A 521 -13.21 49.14 6.59
N LYS A 522 -12.75 49.27 5.37
CA LYS A 522 -13.29 48.51 4.25
C LYS A 522 -12.32 47.40 3.88
N VAL A 523 -12.83 46.18 3.78
CA VAL A 523 -12.02 45.03 3.40
C VAL A 523 -12.43 44.62 1.99
N THR A 524 -11.45 44.57 1.08
CA THR A 524 -11.70 44.31 -0.33
C THR A 524 -10.71 43.30 -0.87
N ALA A 525 -11.16 42.54 -1.86
CA ALA A 525 -10.32 41.54 -2.50
C ALA A 525 -9.81 42.09 -3.83
N GLY A 526 -8.58 41.73 -4.16
CA GLY A 526 -8.04 42.03 -5.47
C GLY A 526 -7.89 40.74 -6.25
N TYR A 527 -6.67 40.43 -6.68
CA TYR A 527 -6.43 39.12 -7.30
C TYR A 527 -6.91 38.02 -6.37
N ASN A 528 -7.67 37.07 -6.92
CA ASN A 528 -8.46 36.20 -6.06
C ASN A 528 -8.74 34.90 -6.80
N GLU A 529 -8.30 33.76 -6.24
CA GLU A 529 -8.57 32.43 -6.78
C GLU A 529 -9.75 31.76 -6.09
N GLY A 530 -10.81 32.51 -5.82
CA GLY A 530 -12.07 31.93 -5.40
C GLY A 530 -12.46 32.13 -3.95
N ALA A 531 -11.84 33.07 -3.23
CA ALA A 531 -12.17 33.32 -1.84
C ALA A 531 -13.18 34.46 -1.71
N SER A 532 -13.92 34.43 -0.61
CA SER A 532 -14.67 35.59 -0.14
C SER A 532 -13.92 36.20 1.04
N VAL A 533 -13.95 37.53 1.14
CA VAL A 533 -13.33 38.24 2.25
C VAL A 533 -14.43 39.02 2.95
N SER A 534 -14.57 38.79 4.25
CA SER A 534 -15.62 39.46 5.00
C SER A 534 -15.18 40.85 5.42
N GLU A 535 -16.16 41.67 5.77
CA GLU A 535 -15.87 42.87 6.52
C GLU A 535 -15.40 42.47 7.92
N LEU A 536 -14.85 43.44 8.65
CA LEU A 536 -14.30 43.17 9.97
C LEU A 536 -15.36 42.67 10.95
N LYS A 537 -15.01 41.64 11.71
CA LYS A 537 -15.82 41.09 12.79
C LYS A 537 -15.06 41.17 14.10
N PRO A 538 -15.76 41.36 15.22
CA PRO A 538 -15.07 41.48 16.50
C PRO A 538 -14.49 40.15 16.98
N HIS A 539 -13.27 40.22 17.51
CA HIS A 539 -12.66 39.12 18.24
C HIS A 539 -12.61 39.38 19.73
N ASP A 540 -12.21 40.58 20.13
CA ASP A 540 -12.17 40.99 21.53
C ASP A 540 -12.62 42.45 21.54
N ALA A 541 -13.88 42.68 21.88
CA ALA A 541 -14.45 44.02 21.79
C ALA A 541 -13.79 44.98 22.77
N SER A 542 -13.40 44.49 23.95
CA SER A 542 -12.82 45.40 24.94
C SER A 542 -11.45 45.91 24.51
N LYS A 543 -10.70 45.11 23.75
CA LYS A 543 -9.38 45.52 23.28
C LYS A 543 -9.37 45.95 21.82
N HIS A 544 -10.56 46.10 21.21
CA HIS A 544 -10.71 46.56 19.83
C HIS A 544 -9.98 45.65 18.85
N ILE A 545 -10.06 44.34 19.06
CA ILE A 545 -9.44 43.38 18.16
C ILE A 545 -10.50 42.85 17.22
N TYR A 546 -10.24 42.97 15.92
CA TYR A 546 -11.14 42.53 14.85
C TYR A 546 -10.39 41.64 13.89
N TYR A 547 -11.14 40.96 13.02
CA TYR A 547 -10.53 40.12 12.00
C TYR A 547 -11.40 40.12 10.75
N THR A 548 -10.76 39.85 9.63
CA THR A 548 -11.50 39.52 8.42
C THR A 548 -11.43 38.03 8.22
N GLU A 549 -12.55 37.44 7.82
CA GLU A 549 -12.66 36.01 7.53
C GLU A 549 -12.49 35.83 6.03
N VAL A 550 -11.46 35.09 5.63
CA VAL A 550 -11.19 34.82 4.23
C VAL A 550 -11.46 33.34 4.00
N SER A 551 -12.43 33.04 3.14
CA SER A 551 -12.99 31.71 3.04
C SER A 551 -12.87 31.21 1.61
N PHE A 552 -12.31 30.02 1.44
CA PHE A 552 -12.31 29.34 0.15
C PHE A 552 -13.36 28.24 0.11
N SER A 553 -14.55 28.55 0.66
CA SER A 553 -15.62 27.56 0.74
C SER A 553 -16.03 27.10 -0.66
N GLY A 554 -16.06 25.78 -0.84
CA GLY A 554 -16.35 25.22 -2.13
C GLY A 554 -15.16 25.04 -3.05
N VAL A 555 -13.97 25.50 -2.66
CA VAL A 555 -12.77 25.37 -3.47
C VAL A 555 -11.95 24.19 -2.96
N LEU A 556 -11.73 23.22 -3.83
CA LEU A 556 -10.98 22.02 -3.46
C LEU A 556 -9.50 22.34 -3.39
N ILE A 557 -8.91 22.16 -2.22
CA ILE A 557 -7.47 22.32 -2.01
C ILE A 557 -6.96 21.02 -1.39
N TYR A 558 -5.86 20.48 -1.91
CA TYR A 558 -5.42 19.17 -1.46
C TYR A 558 -3.96 18.97 -1.85
N PRO A 559 -3.24 18.12 -1.14
CA PRO A 559 -1.82 17.87 -1.43
C PRO A 559 -1.61 16.95 -2.63
N GLY A 560 -1.81 17.49 -3.82
CA GLY A 560 -1.70 16.70 -5.03
C GLY A 560 -1.17 17.44 -6.26
N GLY A 561 -0.39 18.50 -6.07
CA GLY A 561 0.19 19.20 -7.20
C GLY A 561 0.55 20.63 -6.85
N GLN A 562 1.38 21.23 -7.70
CA GLN A 562 1.86 22.57 -7.39
C GLN A 562 0.71 23.58 -7.32
N SER A 563 -0.27 23.44 -8.22
CA SER A 563 -1.45 24.29 -8.16
C SER A 563 -2.50 23.76 -7.19
N ALA A 564 -2.53 22.45 -6.97
CA ALA A 564 -3.61 21.85 -6.20
C ALA A 564 -3.51 22.18 -4.72
N HIS A 565 -2.29 22.32 -4.18
CA HIS A 565 -2.14 22.40 -2.74
C HIS A 565 -2.27 23.81 -2.17
N LYS A 566 -2.47 24.83 -3.00
CA LYS A 566 -2.57 26.19 -2.50
C LYS A 566 -3.51 27.02 -3.36
N LYS A 567 -4.11 28.03 -2.74
CA LYS A 567 -4.90 29.00 -3.46
C LYS A 567 -4.52 30.39 -2.95
N GLU A 568 -4.56 31.37 -3.85
CA GLU A 568 -4.05 32.70 -3.55
C GLU A 568 -5.18 33.70 -3.46
N VAL A 569 -5.02 34.67 -2.57
CA VAL A 569 -5.90 35.83 -2.54
C VAL A 569 -5.10 37.01 -2.03
N GLN A 570 -5.31 38.16 -2.66
CA GLN A 570 -4.76 39.43 -2.22
C GLN A 570 -5.90 40.29 -1.71
N PHE A 571 -5.74 40.85 -0.52
CA PHE A 571 -6.83 41.62 0.07
C PHE A 571 -6.26 42.84 0.78
N ARG A 572 -7.09 43.87 0.88
CA ARG A 572 -6.67 45.15 1.46
C ARG A 572 -7.65 45.54 2.55
N LEU A 573 -7.12 46.06 3.65
CA LEU A 573 -7.94 46.66 4.71
C LEU A 573 -7.68 48.16 4.66
N SER A 574 -8.73 48.95 4.46
CA SER A 574 -8.59 50.37 4.16
C SER A 574 -9.38 51.19 5.15
N ALA A 575 -8.69 52.12 5.82
CA ALA A 575 -9.35 53.20 6.50
C ALA A 575 -9.81 54.21 5.45
N PRO A 576 -10.69 55.15 5.82
CA PRO A 576 -11.16 56.13 4.83
C PRO A 576 -10.00 56.89 4.20
N ASP A 577 -10.13 57.16 2.91
CA ASP A 577 -9.12 57.91 2.19
C ASP A 577 -8.87 59.25 2.87
N GLY A 578 -7.61 59.63 2.99
CA GLY A 578 -7.25 60.86 3.65
C GLY A 578 -7.01 60.75 5.14
N THR A 579 -7.42 59.64 5.77
CA THR A 579 -7.11 59.49 7.18
C THR A 579 -5.68 58.99 7.34
N SER A 580 -5.13 59.21 8.53
CA SER A 580 -3.74 58.87 8.79
C SER A 580 -3.54 58.04 10.06
N PHE A 581 -4.62 57.55 10.68
CA PHE A 581 -4.46 56.85 11.94
C PHE A 581 -4.00 55.41 11.78
N TRP A 582 -4.23 54.78 10.63
CA TRP A 582 -4.04 53.34 10.49
C TRP A 582 -2.63 52.92 10.85
N ASN A 583 -2.51 51.94 11.76
CA ASN A 583 -1.23 51.48 12.28
C ASN A 583 -1.18 49.95 12.29
N PRO A 584 -0.50 49.34 11.33
CA PRO A 584 -0.47 47.87 11.30
C PRO A 584 0.42 47.26 12.37
N GLU A 585 1.29 48.06 13.00
CA GLU A 585 2.33 47.47 13.84
C GLU A 585 1.78 46.83 15.09
N ASN A 586 0.56 47.18 15.52
CA ASN A 586 -0.06 46.49 16.64
C ASN A 586 -1.04 45.42 16.21
N ASP A 587 -1.05 45.06 14.92
CA ASP A 587 -2.00 44.08 14.39
C ASP A 587 -1.42 42.67 14.53
N HIS A 588 -2.21 41.78 15.14
CA HIS A 588 -1.77 40.42 15.43
C HIS A 588 -1.25 39.71 14.18
N SER A 589 -2.02 39.74 13.09
CA SER A 589 -1.66 38.99 11.89
C SER A 589 -0.58 39.67 11.03
N TYR A 590 -0.24 40.92 11.33
CA TYR A 590 0.82 41.64 10.63
C TYR A 590 2.22 41.29 11.12
N GLN A 591 2.32 40.66 12.29
CA GLN A 591 3.60 40.49 12.96
C GLN A 591 4.54 39.58 12.15
N GLY A 592 5.78 40.05 11.97
CA GLY A 592 6.79 39.27 11.27
C GLY A 592 6.65 39.22 9.76
N LEU A 593 5.59 39.79 9.20
CA LEU A 593 5.44 39.76 7.75
C LEU A 593 6.46 40.69 7.10
N SER A 594 6.91 40.29 5.91
CA SER A 594 7.81 41.11 5.10
C SER A 594 7.20 41.18 3.70
N HIS A 595 8.01 41.58 2.73
CA HIS A 595 7.53 41.62 1.36
C HIS A 595 7.72 40.30 0.64
N ALA A 596 8.32 39.30 1.30
CA ALA A 596 8.48 37.97 0.75
C ALA A 596 7.44 37.04 1.35
N LEU A 597 6.78 36.27 0.51
CA LEU A 597 5.79 35.29 0.95
C LEU A 597 6.41 34.28 1.91
N LEU A 598 5.86 34.17 3.12
CA LEU A 598 6.41 33.28 4.13
C LEU A 598 5.30 32.77 5.05
N LYS A 599 5.44 31.53 5.51
CA LYS A 599 4.47 30.96 6.44
C LYS A 599 4.39 31.81 7.71
N THR A 600 3.18 31.97 8.24
CA THR A 600 3.03 32.73 9.47
C THR A 600 2.06 32.03 10.40
N ARG A 601 2.45 31.90 11.66
CA ARG A 601 1.58 31.26 12.64
C ARG A 601 0.49 32.19 13.15
N TYR A 602 0.49 33.46 12.73
CA TYR A 602 -0.44 34.44 13.26
C TYR A 602 -1.61 34.71 12.33
N ILE A 603 -1.70 33.97 11.23
CA ILE A 603 -2.91 33.94 10.42
C ILE A 603 -3.50 32.54 10.57
N PRO A 604 -4.38 32.32 11.54
CA PRO A 604 -4.84 30.95 11.80
C PRO A 604 -5.73 30.44 10.67
N VAL A 605 -5.69 29.12 10.48
CA VAL A 605 -6.40 28.45 9.39
C VAL A 605 -7.45 27.53 10.00
N TYR A 606 -8.60 27.45 9.32
CA TYR A 606 -9.76 26.70 9.79
C TYR A 606 -10.26 25.80 8.68
N ASP A 607 -10.78 24.64 9.07
CA ASP A 607 -11.39 23.69 8.14
C ASP A 607 -12.81 23.45 8.63
N ASP A 608 -13.81 23.87 7.84
CA ASP A 608 -15.21 23.72 8.22
C ASP A 608 -15.50 24.39 9.55
N GLY A 609 -14.78 25.47 9.85
CA GLY A 609 -14.96 26.20 11.10
C GLY A 609 -14.08 25.73 12.24
N ARG A 610 -13.29 24.67 12.06
CA ARG A 610 -12.44 24.12 13.11
C ARG A 610 -11.02 24.64 12.95
N LEU A 611 -10.48 25.28 13.98
CA LEU A 611 -9.10 25.73 13.94
C LEU A 611 -8.14 24.56 13.74
N VAL A 612 -7.30 24.63 12.71
CA VAL A 612 -6.37 23.56 12.39
C VAL A 612 -4.91 24.00 12.37
N PHE A 613 -4.63 25.30 12.49
CA PHE A 613 -3.25 25.75 12.55
C PHE A 613 -3.23 27.20 13.00
N GLY A 614 -2.18 27.56 13.73
CA GLY A 614 -1.90 28.95 14.02
C GLY A 614 -2.55 29.44 15.30
N HIS A 615 -2.35 30.73 15.55
CA HIS A 615 -2.74 31.35 16.80
C HIS A 615 -3.69 32.51 16.54
N GLU A 616 -4.81 32.50 17.26
CA GLU A 616 -5.66 33.67 17.43
C GLU A 616 -5.02 34.60 18.47
N PRO A 617 -5.43 35.89 18.50
CA PRO A 617 -4.92 36.76 19.58
C PRO A 617 -5.30 36.23 20.95
#